data_3PL9
#
_entry.id   3PL9
#
_cell.length_a   68.793
_cell.length_b   68.793
_cell.length_c   425.778
_cell.angle_alpha   90.00
_cell.angle_beta   90.00
_cell.angle_gamma   120.00
#
_symmetry.space_group_name_H-M   'P 65 2 2'
#
loop_
_entity.id
_entity.type
_entity.pdbx_description
1 polymer 'Chlorophyll A-B binding protein'
2 non-polymer 'CHLOROPHYLL A'
3 non-polymer 'CHLOROPHYLL B'
4 non-polymer "(3R,3'R,6S)-4,5-DIDEHYDRO-5,6-DIHYDRO-BETA,BETA-CAROTENE-3,3'-DIOL"
5 non-polymer "(3S,5R,6S,3'S,5'R,6'S)-5,6,5',6'-DIEPOXY-5,6,5',6'- TETRAHYDRO-BETA,BETA-CAROTENE-3,3'-DIOL"
6 non-polymer (1R,3R)-6-{(3E,5E,7E,9E,11E,13E,15E,17E)-18-[(1S,4R,6R)-4-HYDROXY-2,2,6-TRIMETHYL-7-OXABICYCLO[4.1.0]HEPT-1-YL]-3,7,12,16-TETRAMETHYLOCTADECA-1,3,5,7,9,11,13,15,17-NONAENYLIDENE}-1,5,5-TRIMETHYLCYCLOHEXANE-1,3-DIOL
7 non-polymer SN-GLYCEROL-3-PHOSPHATE
8 non-polymer 'heptyl 1-thio-beta-D-glucopyranoside'
9 water water
#
_entity_poly.entity_id   1
_entity_poly.type   'polypeptide(L)'
_entity_poly.pdbx_seq_one_letter_code
;AQPKSGFSTDRPLWYPGAKAPEYLDGSLVGDYGFDPFGLGKPAEYLQYDYDGLDQNLAKNLAGDIIGTRTESADVKSTSL
QPYSEVFGLQRFRECELIHGRWAMLATLGALTVEGLTGITWQDAGKVELIEGSSYLGQPLPFSMTTLIWIEVLVIGYIEF
QRNAELDTEKRLYPGGTFDPLGLASDPEKKPILQLAEIKHARLAMVGFLGFAVQAAVTGKGPLNNWVTHLSDPLHTTILD
RFL
;
_entity_poly.pdbx_strand_id   A
#
# COMPACT_ATOMS: atom_id res chain seq x y z
N GLY A 88 -18.85 -1.01 15.05
CA GLY A 88 -18.50 -0.30 16.31
C GLY A 88 -17.65 0.92 16.03
N LEU A 89 -17.03 1.45 17.08
CA LEU A 89 -16.19 2.62 16.94
C LEU A 89 -14.72 2.25 17.03
N GLN A 90 -14.21 2.06 18.25
CA GLN A 90 -12.81 1.70 18.44
C GLN A 90 -12.32 0.78 17.33
N ARG A 91 -13.18 -0.16 16.90
CA ARG A 91 -12.82 -1.07 15.84
C ARG A 91 -12.56 -0.28 14.57
N PHE A 92 -13.40 0.71 14.32
CA PHE A 92 -13.24 1.55 13.15
C PHE A 92 -11.90 2.28 13.19
N ARG A 93 -11.48 2.69 14.39
CA ARG A 93 -10.20 3.37 14.53
C ARG A 93 -9.08 2.42 14.07
N GLU A 94 -9.31 1.12 14.26
CA GLU A 94 -8.34 0.11 13.84
C GLU A 94 -8.45 -0.07 12.34
N CYS A 95 -9.67 -0.30 11.87
CA CYS A 95 -9.91 -0.47 10.45
C CYS A 95 -9.23 0.66 9.70
N GLU A 96 -9.52 1.89 10.12
CA GLU A 96 -8.96 3.06 9.46
C GLU A 96 -7.44 3.06 9.41
N LEU A 97 -6.79 3.02 10.57
CA LEU A 97 -5.35 3.06 10.58
C LEU A 97 -4.75 1.89 9.81
N ILE A 98 -5.28 0.69 10.04
CA ILE A 98 -4.79 -0.49 9.34
C ILE A 98 -4.86 -0.32 7.82
N HIS A 99 -6.08 -0.02 7.30
CA HIS A 99 -6.18 0.14 5.86
C HIS A 99 -5.19 1.20 5.46
N GLY A 100 -5.09 2.24 6.23
CA GLY A 100 -4.18 3.31 5.89
C GLY A 100 -2.72 2.90 5.79
N ARG A 101 -2.27 2.06 6.72
CA ARG A 101 -0.88 1.63 6.68
C ARG A 101 -0.63 0.74 5.45
N TRP A 102 -1.64 -0.02 5.04
CA TRP A 102 -1.48 -0.85 3.85
C TRP A 102 -1.42 0.10 2.66
N ALA A 103 -2.43 0.96 2.57
CA ALA A 103 -2.56 1.94 1.49
C ALA A 103 -1.29 2.74 1.31
N MET A 104 -0.57 2.98 2.39
CA MET A 104 0.66 3.75 2.29
C MET A 104 1.75 2.95 1.58
N LEU A 105 1.92 1.69 1.97
CA LEU A 105 2.93 0.82 1.37
C LEU A 105 2.56 0.50 -0.08
N ALA A 106 1.28 0.21 -0.30
CA ALA A 106 0.77 -0.13 -1.62
C ALA A 106 1.08 0.95 -2.65
N THR A 107 0.51 2.13 -2.43
CA THR A 107 0.73 3.25 -3.33
C THR A 107 2.21 3.42 -3.64
N LEU A 108 3.02 3.49 -2.60
CA LEU A 108 4.44 3.64 -2.82
C LEU A 108 4.91 2.47 -3.66
N GLY A 109 4.38 1.28 -3.32
CA GLY A 109 4.73 0.05 -4.03
C GLY A 109 4.36 0.03 -5.49
N ALA A 110 3.15 0.47 -5.81
CA ALA A 110 2.67 0.51 -7.19
C ALA A 110 3.61 1.37 -8.05
N LEU A 111 3.93 2.55 -7.55
CA LEU A 111 4.79 3.48 -8.25
C LEU A 111 6.22 2.97 -8.43
N THR A 112 6.82 2.46 -7.36
CA THR A 112 8.19 1.96 -7.46
C THR A 112 8.38 0.85 -8.50
N VAL A 113 7.46 -0.11 -8.52
CA VAL A 113 7.59 -1.22 -9.46
C VAL A 113 7.47 -0.75 -10.91
N GLU A 114 6.59 0.21 -11.17
CA GLU A 114 6.42 0.72 -12.52
C GLU A 114 7.65 1.52 -12.90
N GLY A 115 8.13 2.33 -11.96
CA GLY A 115 9.30 3.14 -12.22
C GLY A 115 10.59 2.36 -12.42
N LEU A 116 10.67 1.18 -11.85
CA LEU A 116 11.89 0.39 -11.98
C LEU A 116 11.85 -0.80 -12.95
N THR A 117 10.73 -1.51 -13.00
CA THR A 117 10.64 -2.67 -13.88
C THR A 117 9.75 -2.43 -15.08
N GLY A 118 9.10 -1.28 -15.11
CA GLY A 118 8.21 -1.01 -16.23
C GLY A 118 6.92 -1.80 -16.18
N ILE A 119 6.77 -2.68 -15.20
CA ILE A 119 5.55 -3.45 -15.09
C ILE A 119 4.56 -2.67 -14.21
N THR A 120 3.29 -2.59 -14.60
CA THR A 120 2.35 -1.85 -13.77
C THR A 120 1.85 -2.69 -12.58
N TRP A 121 1.24 -2.05 -11.59
CA TRP A 121 0.78 -2.78 -10.41
C TRP A 121 -0.35 -3.77 -10.71
N GLN A 122 -1.20 -3.45 -11.68
CA GLN A 122 -2.31 -4.33 -12.05
C GLN A 122 -1.83 -5.60 -12.75
N ASP A 123 -0.79 -5.48 -13.58
CA ASP A 123 -0.27 -6.63 -14.32
C ASP A 123 0.68 -7.48 -13.51
N ALA A 124 1.37 -6.86 -12.56
CA ALA A 124 2.33 -7.53 -11.69
C ALA A 124 1.97 -8.98 -11.36
N GLY A 125 0.69 -9.23 -11.03
CA GLY A 125 0.28 -10.56 -10.69
C GLY A 125 0.46 -11.52 -11.84
N LYS A 126 -0.17 -11.19 -12.97
CA LYS A 126 -0.10 -12.01 -14.16
C LYS A 126 1.32 -12.25 -14.65
N VAL A 127 2.13 -11.20 -14.78
CA VAL A 127 3.48 -11.43 -15.27
C VAL A 127 4.35 -12.17 -14.26
N GLU A 128 3.95 -12.15 -12.99
CA GLU A 128 4.74 -12.86 -11.97
C GLU A 128 4.42 -14.34 -12.06
N LEU A 129 3.18 -14.62 -12.46
CA LEU A 129 2.67 -15.97 -12.60
C LEU A 129 3.15 -16.62 -13.90
N ILE A 130 3.07 -15.87 -15.00
CA ILE A 130 3.47 -16.34 -16.33
C ILE A 130 5.00 -16.46 -16.46
N GLU A 131 5.70 -15.39 -16.10
CA GLU A 131 7.15 -15.43 -16.13
C GLU A 131 7.46 -15.81 -14.69
N GLY A 132 8.72 -16.03 -14.35
CA GLY A 132 9.02 -16.43 -12.98
C GLY A 132 8.64 -15.46 -11.86
N SER A 133 8.94 -15.86 -10.65
CA SER A 133 8.72 -15.02 -9.51
C SER A 133 9.98 -14.17 -9.58
N SER A 134 9.83 -12.85 -9.42
CA SER A 134 10.98 -11.98 -9.51
C SER A 134 10.78 -10.69 -8.76
N TYR A 135 11.88 -9.99 -8.52
CA TYR A 135 11.86 -8.72 -7.84
C TYR A 135 13.02 -7.98 -8.47
N LEU A 136 12.74 -6.80 -9.01
CA LEU A 136 13.77 -6.01 -9.66
C LEU A 136 14.48 -6.86 -10.73
N GLY A 137 13.68 -7.56 -11.52
CA GLY A 137 14.27 -8.39 -12.57
C GLY A 137 14.79 -9.74 -12.13
N GLN A 138 15.65 -9.79 -11.12
CA GLN A 138 16.19 -11.08 -10.67
C GLN A 138 15.09 -12.12 -10.41
N PRO A 139 15.38 -13.40 -10.70
CA PRO A 139 14.44 -14.49 -10.50
C PRO A 139 14.39 -15.09 -9.09
N LEU A 140 13.20 -15.53 -8.71
CA LEU A 140 12.98 -16.14 -7.41
C LEU A 140 12.30 -17.50 -7.59
N PRO A 141 12.85 -18.53 -6.96
CA PRO A 141 12.36 -19.91 -7.03
C PRO A 141 10.87 -20.23 -6.88
N PHE A 142 10.26 -19.75 -5.80
CA PHE A 142 8.85 -20.05 -5.48
C PHE A 142 7.83 -20.09 -6.61
N SER A 143 6.96 -21.08 -6.58
CA SER A 143 5.91 -21.24 -7.57
C SER A 143 4.72 -20.46 -7.04
N MET A 144 3.71 -20.25 -7.88
CA MET A 144 2.53 -19.51 -7.45
C MET A 144 1.93 -20.20 -6.24
N THR A 145 2.02 -21.53 -6.24
CA THR A 145 1.48 -22.34 -5.17
C THR A 145 2.20 -22.22 -3.82
N THR A 146 3.47 -22.60 -3.75
CA THR A 146 4.21 -22.51 -2.50
C THR A 146 4.24 -21.04 -2.12
N LEU A 147 3.97 -20.18 -3.08
CA LEU A 147 3.97 -18.76 -2.83
C LEU A 147 2.79 -18.39 -1.95
N ILE A 148 1.60 -18.86 -2.30
CA ILE A 148 0.45 -18.49 -1.50
C ILE A 148 0.44 -19.28 -0.19
N TRP A 149 1.02 -20.47 -0.19
CA TRP A 149 1.04 -21.24 1.06
C TRP A 149 1.78 -20.40 2.08
N ILE A 150 2.94 -19.91 1.69
CA ILE A 150 3.75 -19.12 2.57
C ILE A 150 3.04 -17.84 3.01
N GLU A 151 2.26 -17.26 2.12
CA GLU A 151 1.53 -16.06 2.48
C GLU A 151 0.43 -16.42 3.48
N VAL A 152 -0.45 -17.34 3.12
CA VAL A 152 -1.52 -17.72 4.02
C VAL A 152 -0.99 -18.08 5.42
N LEU A 153 0.10 -18.85 5.47
CA LEU A 153 0.64 -19.22 6.78
C LEU A 153 1.31 -18.05 7.47
N VAL A 154 2.15 -17.30 6.77
CA VAL A 154 2.85 -16.21 7.40
C VAL A 154 2.05 -14.95 7.73
N ILE A 155 1.12 -14.55 6.88
CA ILE A 155 0.34 -13.37 7.20
C ILE A 155 -0.73 -13.83 8.20
N GLY A 156 -1.10 -15.09 8.11
CA GLY A 156 -2.11 -15.59 9.03
C GLY A 156 -1.60 -15.53 10.46
N TYR A 157 -0.43 -16.14 10.66
CA TYR A 157 0.20 -16.17 11.96
C TYR A 157 0.34 -14.78 12.55
N ILE A 158 0.80 -13.84 11.73
CA ILE A 158 1.01 -12.47 12.21
C ILE A 158 -0.31 -11.73 12.43
N GLU A 159 -1.28 -11.93 11.54
CA GLU A 159 -2.56 -11.27 11.72
C GLU A 159 -3.16 -11.77 13.05
N PHE A 160 -2.88 -13.02 13.40
CA PHE A 160 -3.40 -13.58 14.65
C PHE A 160 -2.69 -12.96 15.85
N GLN A 161 -1.37 -13.10 15.91
CA GLN A 161 -0.58 -12.52 16.99
C GLN A 161 -1.05 -11.09 17.27
N ARG A 162 -1.31 -10.34 16.21
CA ARG A 162 -1.76 -8.96 16.33
C ARG A 162 -3.12 -8.92 17.01
N ASN A 163 -4.01 -9.80 16.55
CA ASN A 163 -5.34 -9.84 17.10
C ASN A 163 -5.35 -10.37 18.53
N ALA A 164 -4.26 -11.02 18.91
CA ALA A 164 -4.17 -11.58 20.26
C ALA A 164 -3.72 -10.52 21.25
N GLU A 165 -4.53 -9.49 21.40
CA GLU A 165 -4.23 -8.41 22.33
C GLU A 165 -5.37 -7.43 22.28
N LEU A 166 -6.00 -7.18 23.43
CA LEU A 166 -7.10 -6.24 23.44
C LEU A 166 -6.84 -5.00 24.29
N ASP A 167 -5.59 -4.58 24.34
CA ASP A 167 -5.23 -3.37 25.04
C ASP A 167 -5.49 -2.35 23.94
N THR A 168 -6.76 -2.02 23.74
CA THR A 168 -7.18 -1.08 22.70
C THR A 168 -6.19 -0.03 22.26
N GLU A 169 -5.32 0.42 23.17
CA GLU A 169 -4.35 1.44 22.81
C GLU A 169 -3.06 0.90 22.19
N LYS A 170 -2.94 -0.41 22.08
CA LYS A 170 -1.76 -0.99 21.47
C LYS A 170 -2.22 -1.66 20.18
N ARG A 171 -3.53 -1.81 20.06
CA ARG A 171 -4.12 -2.40 18.89
C ARG A 171 -4.01 -1.36 17.79
N LEU A 172 -3.54 -0.18 18.18
CA LEU A 172 -3.38 0.93 17.27
C LEU A 172 -1.94 1.39 17.25
N TYR A 173 -1.32 1.41 18.43
CA TYR A 173 0.07 1.85 18.55
C TYR A 173 0.88 0.85 19.34
N PRO A 174 0.95 -0.39 18.84
CA PRO A 174 1.70 -1.47 19.49
C PRO A 174 3.01 -1.07 20.12
N GLY A 175 3.70 -0.10 19.52
CA GLY A 175 4.98 0.32 20.07
C GLY A 175 5.88 -0.87 20.37
N GLY A 176 6.93 -0.65 21.15
CA GLY A 176 7.82 -1.74 21.48
C GLY A 176 8.80 -2.07 20.36
N THR A 177 8.83 -3.33 19.93
CA THR A 177 9.71 -3.74 18.86
C THR A 177 9.33 -2.98 17.61
N PHE A 178 8.06 -2.59 17.54
CA PHE A 178 7.53 -1.86 16.41
C PHE A 178 7.89 -0.38 16.43
N ASP A 179 8.76 0.01 17.37
CA ASP A 179 9.20 1.38 17.46
C ASP A 179 10.62 1.39 18.01
N PRO A 180 11.56 0.74 17.30
CA PRO A 180 12.97 0.67 17.71
C PRO A 180 13.52 2.04 17.98
N LEU A 181 13.63 2.86 16.93
CA LEU A 181 14.16 4.20 17.07
C LEU A 181 13.50 4.95 18.21
N GLY A 182 12.34 4.47 18.66
CA GLY A 182 11.64 5.11 19.76
C GLY A 182 11.22 6.54 19.47
N LEU A 183 10.86 6.82 18.23
CA LEU A 183 10.43 8.17 17.85
C LEU A 183 9.17 8.60 18.60
N ALA A 184 8.28 7.65 18.87
CA ALA A 184 7.05 7.97 19.56
C ALA A 184 7.07 7.66 21.04
N SER A 185 8.28 7.56 21.61
CA SER A 185 8.39 7.26 23.02
C SER A 185 7.89 8.45 23.85
N ASP A 186 8.49 9.62 23.64
CA ASP A 186 8.11 10.84 24.35
C ASP A 186 6.63 11.17 24.15
N PRO A 187 5.83 11.14 25.24
CA PRO A 187 4.39 11.41 25.26
C PRO A 187 3.93 12.76 24.69
N GLU A 188 4.82 13.74 24.67
CA GLU A 188 4.45 15.04 24.14
C GLU A 188 4.51 15.02 22.61
N LYS A 189 5.39 14.18 22.07
CA LYS A 189 5.53 14.06 20.63
C LYS A 189 4.43 13.18 20.04
N LYS A 190 4.09 12.11 20.76
CA LYS A 190 3.07 11.19 20.28
C LYS A 190 1.90 11.77 19.50
N PRO A 191 1.15 12.72 20.10
CA PRO A 191 0.02 13.29 19.36
C PRO A 191 0.35 13.86 17.99
N ILE A 192 1.48 14.55 17.89
CA ILE A 192 1.88 15.15 16.62
C ILE A 192 2.13 14.03 15.61
N LEU A 193 3.01 13.11 15.97
CA LEU A 193 3.34 11.98 15.12
C LEU A 193 2.10 11.22 14.65
N GLN A 194 1.16 10.98 15.55
CA GLN A 194 -0.07 10.27 15.22
C GLN A 194 -0.96 11.07 14.29
N LEU A 195 -0.84 12.39 14.33
CA LEU A 195 -1.66 13.23 13.49
C LEU A 195 -1.15 13.16 12.06
N ALA A 196 0.17 13.13 11.93
CA ALA A 196 0.82 13.05 10.63
C ALA A 196 0.52 11.67 10.03
N GLU A 197 0.68 10.64 10.85
CA GLU A 197 0.42 9.29 10.38
C GLU A 197 -1.02 9.12 9.87
N ILE A 198 -2.00 9.63 10.60
CA ILE A 198 -3.38 9.47 10.15
C ILE A 198 -3.68 10.27 8.88
N LYS A 199 -3.02 11.43 8.73
CA LYS A 199 -3.22 12.24 7.55
C LYS A 199 -2.62 11.54 6.34
N HIS A 200 -1.40 11.02 6.51
CA HIS A 200 -0.74 10.33 5.41
C HIS A 200 -1.57 9.11 5.06
N ALA A 201 -2.04 8.39 6.07
CA ALA A 201 -2.83 7.20 5.83
C ALA A 201 -4.13 7.50 5.10
N ARG A 202 -4.80 8.59 5.47
CA ARG A 202 -6.05 8.92 4.79
C ARG A 202 -5.73 9.34 3.37
N LEU A 203 -4.60 10.03 3.22
CA LEU A 203 -4.16 10.51 1.92
C LEU A 203 -3.87 9.33 1.00
N ALA A 204 -3.10 8.38 1.48
CA ALA A 204 -2.74 7.20 0.69
C ALA A 204 -4.00 6.44 0.24
N MET A 205 -4.89 6.15 1.17
CA MET A 205 -6.11 5.43 0.83
C MET A 205 -6.78 6.14 -0.32
N VAL A 206 -6.97 7.45 -0.19
CA VAL A 206 -7.59 8.23 -1.24
C VAL A 206 -6.83 8.02 -2.56
N GLY A 207 -5.52 8.19 -2.49
CA GLY A 207 -4.71 8.00 -3.67
C GLY A 207 -4.79 6.58 -4.23
N PHE A 208 -4.85 5.57 -3.37
CA PHE A 208 -4.91 4.22 -3.94
C PHE A 208 -6.24 4.01 -4.65
N LEU A 209 -7.30 4.58 -4.07
CA LEU A 209 -8.63 4.51 -4.64
C LEU A 209 -8.51 5.10 -6.05
N GLY A 210 -7.80 6.21 -6.15
CA GLY A 210 -7.60 6.84 -7.45
C GLY A 210 -6.87 5.87 -8.37
N PHE A 211 -5.71 5.39 -7.89
CA PHE A 211 -4.87 4.43 -8.63
C PHE A 211 -5.75 3.40 -9.30
N ALA A 212 -6.66 2.82 -8.50
CA ALA A 212 -7.55 1.78 -8.96
C ALA A 212 -8.49 2.23 -10.07
N VAL A 213 -9.23 3.31 -9.82
CA VAL A 213 -10.17 3.77 -10.82
C VAL A 213 -9.41 4.19 -12.09
N GLN A 214 -8.22 4.75 -11.92
CA GLN A 214 -7.45 5.19 -13.07
C GLN A 214 -6.95 4.03 -13.91
N ALA A 215 -6.94 2.84 -13.35
CA ALA A 215 -6.48 1.69 -14.12
C ALA A 215 -7.63 1.22 -15.02
N ALA A 216 -8.78 0.99 -14.41
CA ALA A 216 -9.96 0.56 -15.15
C ALA A 216 -10.25 1.46 -16.33
N VAL A 217 -10.18 2.78 -16.08
CA VAL A 217 -10.46 3.78 -17.10
C VAL A 217 -9.41 4.01 -18.17
N THR A 218 -8.13 3.95 -17.83
CA THR A 218 -7.11 4.23 -18.82
C THR A 218 -6.25 3.05 -19.28
N GLY A 219 -6.41 1.90 -18.65
CA GLY A 219 -5.61 0.75 -19.04
C GLY A 219 -4.11 0.99 -18.97
N LYS A 220 -3.70 1.98 -18.19
CA LYS A 220 -2.28 2.27 -18.02
C LYS A 220 -1.95 2.49 -16.55
N GLY A 221 -0.67 2.42 -16.22
CA GLY A 221 -0.24 2.60 -14.85
C GLY A 221 -0.24 4.03 -14.31
N PRO A 222 -0.39 4.20 -13.00
CA PRO A 222 -0.42 5.51 -12.35
C PRO A 222 0.79 6.37 -12.73
N LEU A 223 1.98 5.82 -12.58
CA LEU A 223 3.19 6.56 -12.93
C LEU A 223 3.12 7.08 -14.37
N ASN A 224 2.47 6.32 -15.25
CA ASN A 224 2.33 6.72 -16.64
C ASN A 224 1.34 7.89 -16.78
N ASN A 225 0.14 7.72 -16.23
CA ASN A 225 -0.87 8.77 -16.28
C ASN A 225 -0.29 10.07 -15.75
N TRP A 226 0.54 9.96 -14.72
CA TRP A 226 1.16 11.10 -14.09
C TRP A 226 2.13 11.79 -15.03
N VAL A 227 3.10 11.04 -15.56
CA VAL A 227 4.07 11.64 -16.46
C VAL A 227 3.40 12.02 -17.76
N THR A 228 2.18 11.52 -17.97
CA THR A 228 1.45 11.86 -19.18
C THR A 228 0.78 13.23 -19.01
N HIS A 229 0.12 13.42 -17.86
CA HIS A 229 -0.56 14.68 -17.55
C HIS A 229 0.46 15.78 -17.40
N LEU A 230 1.67 15.44 -17.00
CA LEU A 230 2.69 16.45 -16.83
C LEU A 230 3.26 16.90 -18.17
N SER A 231 3.48 15.96 -19.07
CA SER A 231 4.02 16.28 -20.38
C SER A 231 3.11 17.24 -21.12
N ASP A 232 1.81 17.09 -20.90
CA ASP A 232 0.83 17.95 -21.56
C ASP A 232 -0.41 18.10 -20.70
N PRO A 233 -0.35 18.99 -19.68
CA PRO A 233 -1.41 19.28 -18.72
C PRO A 233 -2.80 19.55 -19.29
N LEU A 234 -2.87 20.32 -20.36
CA LEU A 234 -4.14 20.67 -20.95
C LEU A 234 -4.86 19.59 -21.74
N HIS A 235 -4.12 18.80 -22.50
CA HIS A 235 -4.74 17.76 -23.32
C HIS A 235 -4.64 16.34 -22.77
N THR A 236 -4.65 16.21 -21.45
CA THR A 236 -4.57 14.90 -20.80
C THR A 236 -5.51 14.83 -19.60
N THR A 237 -6.50 15.71 -19.56
CA THR A 237 -7.46 15.72 -18.47
C THR A 237 -8.51 14.65 -18.64
N ILE A 238 -9.39 14.53 -17.66
CA ILE A 238 -10.46 13.55 -17.70
C ILE A 238 -11.66 14.11 -18.47
N LEU A 239 -11.50 15.29 -19.03
CA LEU A 239 -12.57 15.91 -19.80
C LEU A 239 -12.49 15.47 -21.26
N ASP A 240 -11.31 15.02 -21.67
CA ASP A 240 -11.12 14.56 -23.03
C ASP A 240 -11.91 13.28 -23.24
N ARG A 241 -12.32 12.67 -22.15
CA ARG A 241 -13.09 11.43 -22.19
C ARG A 241 -14.51 11.71 -22.68
N PHE A 242 -15.13 12.77 -22.15
CA PHE A 242 -16.48 13.13 -22.55
C PHE A 242 -16.42 14.04 -23.78
N LEU A 243 -15.36 14.83 -23.86
CA LEU A 243 -15.17 15.74 -24.99
C LEU A 243 -14.16 15.16 -25.97
#